data_1AFF
#
_entry.id   1AFF
#
_cell.length_a   1.000
_cell.length_b   1.000
_cell.length_c   1.000
_cell.angle_alpha   90.00
_cell.angle_beta   90.00
_cell.angle_gamma   90.00
#
_symmetry.space_group_name_H-M   'P 1'
#
_entity_poly.entity_id   1
_entity_poly.type   'polydeoxyribonucleotide'
_entity_poly.pdbx_seq_one_letter_code
;(DT)(DA)(DG)(DG)
;
_entity_poly.pdbx_strand_id   A,B,C,D
#
loop_
_chem_comp.id
_chem_comp.type
_chem_comp.name
_chem_comp.formula
DA DNA linking 2'-DEOXYADENOSINE-5'-MONOPHOSPHATE 'C10 H14 N5 O6 P'
DG DNA linking 2'-DEOXYGUANOSINE-5'-MONOPHOSPHATE 'C10 H14 N5 O7 P'
DT DNA linking THYMIDINE-5'-MONOPHOSPHATE 'C10 H15 N2 O8 P'
#